data_5HIS
#
_entry.id   5HIS
#
_cell.length_a   61.144
_cell.length_b   61.144
_cell.length_c   146.277
_cell.angle_alpha   90.00
_cell.angle_beta   90.00
_cell.angle_gamma   120.00
#
_symmetry.space_group_name_H-M   'P 32 2 1'
#
loop_
_entity.id
_entity.type
_entity.pdbx_description
1 polymer PqsE
2 non-polymer 'FE (III) ION'
3 non-polymer '3-methylthiophene-2-carboxylic acid'
4 water water
#
_entity_poly.entity_id   1
_entity_poly.type   'polypeptide(L)'
_entity_poly.pdbx_seq_one_letter_code
;GHMLRLSAPGQLDDDLCLLGDVQVPVFLLRLGEASWALVEGGISRDAELVWADLCRWVADPSQVHYWLITHKHYDHCGLL
PYLCPRLPNVQVLASERTCQAWKSESAVRVVERLNRQLLRAEQRLPEACAWDALPVRAVADGEWLELGPRHRLQVIEAHG
HSDDHVVFYDVRRRRLFCGDALGEFDEAEGVWRPLVFDDMEAYLESLERLQRLPTLLQLIPGHGGLLRGRLAADGAESAY
TECLRLCRRLLWRQSMGESLDELSEELHRAWGGQSVDFLPGELHLGSMRRMLEILSRQALPLD
;
_entity_poly.pdbx_strand_id   A
#
# COMPACT_ATOMS: atom_id res chain seq x y z
N HIS A 2 -17.77 -3.56 12.22
CA HIS A 2 -18.18 -2.23 11.66
C HIS A 2 -18.64 -2.35 10.20
N MET A 3 -19.77 -1.72 9.90
CA MET A 3 -20.32 -1.72 8.55
C MET A 3 -19.53 -0.82 7.58
N LEU A 4 -18.66 0.04 8.07
CA LEU A 4 -17.91 0.95 7.21
C LEU A 4 -16.52 0.43 6.85
N ARG A 5 -16.12 -0.70 7.41
CA ARG A 5 -14.83 -1.31 7.11
C ARG A 5 -15.07 -2.79 6.85
N LEU A 6 -14.70 -3.26 5.66
CA LEU A 6 -14.70 -4.69 5.33
C LEU A 6 -13.30 -5.21 5.54
N SER A 7 -13.18 -6.18 6.41
CA SER A 7 -11.87 -6.55 6.87
C SER A 7 -11.77 -8.04 7.06
N ALA A 8 -12.38 -8.79 6.14
CA ALA A 8 -12.29 -10.25 6.12
C ALA A 8 -11.77 -10.73 4.77
N PRO A 9 -10.95 -11.77 4.74
CA PRO A 9 -10.57 -12.39 3.47
C PRO A 9 -11.78 -12.83 2.66
N GLY A 10 -11.63 -12.79 1.34
CA GLY A 10 -12.67 -13.34 0.49
C GLY A 10 -13.39 -12.26 -0.29
N GLN A 11 -14.64 -12.50 -0.70
CA GLN A 11 -15.27 -11.57 -1.63
C GLN A 11 -15.67 -10.27 -0.92
N LEU A 12 -15.27 -9.14 -1.52
CA LEU A 12 -15.62 -7.81 -1.01
C LEU A 12 -16.71 -7.10 -1.80
N ASP A 13 -16.76 -7.34 -3.10
CA ASP A 13 -17.73 -6.73 -4.01
C ASP A 13 -17.93 -7.75 -5.12
N ASP A 14 -18.83 -7.44 -6.08
CA ASP A 14 -19.10 -8.37 -7.17
CA ASP A 14 -19.09 -8.43 -7.13
C ASP A 14 -17.83 -8.77 -7.93
N ASP A 15 -16.90 -7.84 -8.05
CA ASP A 15 -15.71 -8.00 -8.87
C ASP A 15 -14.41 -8.08 -8.08
N LEU A 16 -14.46 -8.07 -6.75
CA LEU A 16 -13.28 -7.78 -5.94
C LEU A 16 -13.18 -8.74 -4.77
N CYS A 17 -12.03 -9.40 -4.63
CA CYS A 17 -11.78 -10.26 -3.47
C CYS A 17 -10.50 -9.82 -2.76
N LEU A 18 -10.42 -10.12 -1.49
CA LEU A 18 -9.22 -9.88 -0.70
C LEU A 18 -8.52 -11.23 -0.50
N LEU A 19 -7.27 -11.31 -0.97
CA LEU A 19 -6.41 -12.49 -0.82
C LEU A 19 -5.42 -12.29 0.31
N GLY A 20 -5.17 -13.36 1.07
CA GLY A 20 -4.19 -13.28 2.12
C GLY A 20 -4.73 -12.62 3.38
N ASP A 21 -3.79 -12.01 4.11
CA ASP A 21 -4.10 -11.36 5.38
CA ASP A 21 -3.97 -11.33 5.39
C ASP A 21 -4.53 -9.92 5.18
N VAL A 22 -5.60 -9.56 5.89
CA VAL A 22 -6.14 -8.20 5.81
C VAL A 22 -5.06 -7.16 6.18
N GLN A 23 -4.06 -7.55 6.99
CA GLN A 23 -3.04 -6.56 7.34
C GLN A 23 -2.10 -6.20 6.16
N VAL A 24 -1.85 -7.13 5.23
CA VAL A 24 -1.02 -6.87 4.05
CA VAL A 24 -1.01 -6.89 4.06
C VAL A 24 -1.68 -7.58 2.88
N PRO A 25 -2.82 -7.07 2.43
CA PRO A 25 -3.65 -7.78 1.46
C PRO A 25 -3.16 -7.66 0.03
N VAL A 26 -3.59 -8.62 -0.77
CA VAL A 26 -3.53 -8.55 -2.22
C VAL A 26 -4.96 -8.64 -2.73
N PHE A 27 -5.32 -7.71 -3.60
CA PHE A 27 -6.68 -7.63 -4.11
C PHE A 27 -6.76 -8.27 -5.47
N LEU A 28 -7.85 -8.97 -5.69
CA LEU A 28 -8.08 -9.72 -6.90
C LEU A 28 -9.30 -9.09 -7.58
N LEU A 29 -9.12 -8.61 -8.82
CA LEU A 29 -10.19 -8.03 -9.62
C LEU A 29 -10.59 -8.99 -10.72
N ARG A 30 -11.90 -9.24 -10.85
CA ARG A 30 -12.41 -10.07 -11.95
C ARG A 30 -12.73 -9.15 -13.12
N LEU A 31 -11.94 -9.24 -14.19
CA LEU A 31 -12.04 -8.34 -15.34
C LEU A 31 -12.97 -8.84 -16.42
N GLY A 32 -13.29 -10.12 -16.39
CA GLY A 32 -14.13 -10.72 -17.39
C GLY A 32 -14.24 -12.20 -17.10
N GLU A 33 -14.85 -12.95 -18.01
CA GLU A 33 -15.02 -14.37 -17.75
C GLU A 33 -13.67 -15.07 -17.64
N ALA A 34 -12.65 -14.57 -18.32
CA ALA A 34 -11.39 -15.28 -18.40
C ALA A 34 -10.20 -14.34 -18.20
N SER A 35 -10.35 -13.33 -17.33
CA SER A 35 -9.31 -12.33 -17.16
C SER A 35 -9.39 -11.75 -15.75
N TRP A 36 -8.23 -11.60 -15.12
CA TRP A 36 -8.13 -11.11 -13.76
C TRP A 36 -6.95 -10.16 -13.60
N ALA A 37 -7.02 -9.34 -12.55
CA ALA A 37 -5.88 -8.52 -12.14
C ALA A 37 -5.67 -8.63 -10.64
N LEU A 38 -4.42 -8.44 -10.24
CA LEU A 38 -4.03 -8.28 -8.83
C LEU A 38 -3.68 -6.84 -8.57
N VAL A 39 -3.92 -6.39 -7.33
CA VAL A 39 -3.51 -5.06 -6.90
C VAL A 39 -2.85 -5.17 -5.54
N GLU A 40 -1.68 -4.55 -5.41
CA GLU A 40 -0.76 -4.57 -4.27
C GLU A 40 0.05 -5.86 -4.27
N GLY A 41 1.28 -5.77 -3.79
CA GLY A 41 2.23 -6.84 -3.98
C GLY A 41 2.78 -7.47 -2.71
N GLY A 42 2.24 -7.09 -1.55
CA GLY A 42 2.41 -7.83 -0.27
C GLY A 42 3.83 -8.09 0.20
N ILE A 43 3.93 -9.07 1.12
CA ILE A 43 5.22 -9.50 1.69
C ILE A 43 5.54 -10.90 1.21
N SER A 44 6.84 -11.17 1.00
CA SER A 44 7.27 -12.42 0.38
C SER A 44 6.80 -13.65 1.14
N ARG A 45 6.82 -13.61 2.47
CA ARG A 45 6.49 -14.81 3.23
C ARG A 45 5.05 -15.27 3.04
N ASP A 46 4.18 -14.40 2.52
CA ASP A 46 2.77 -14.74 2.29
C ASP A 46 2.55 -15.39 0.94
N ALA A 47 3.64 -15.75 0.22
CA ALA A 47 3.51 -16.28 -1.14
C ALA A 47 2.58 -17.48 -1.21
N GLU A 48 2.77 -18.48 -0.34
CA GLU A 48 1.94 -19.69 -0.47
C GLU A 48 0.51 -19.45 0.02
N LEU A 49 0.33 -18.55 0.98
CA LEU A 49 -1.02 -18.19 1.41
C LEU A 49 -1.77 -17.50 0.30
N VAL A 50 -1.17 -16.48 -0.31
CA VAL A 50 -1.86 -15.72 -1.35
C VAL A 50 -2.09 -16.61 -2.57
N TRP A 51 -1.14 -17.48 -2.89
CA TRP A 51 -1.30 -18.40 -4.00
C TRP A 51 -2.48 -19.32 -3.77
N ALA A 52 -2.58 -19.90 -2.56
CA ALA A 52 -3.68 -20.79 -2.24
C ALA A 52 -5.02 -20.09 -2.33
N ASP A 53 -5.10 -18.86 -1.79
CA ASP A 53 -6.34 -18.08 -1.88
C ASP A 53 -6.68 -17.77 -3.32
N LEU A 54 -5.69 -17.37 -4.11
CA LEU A 54 -5.93 -17.07 -5.52
C LEU A 54 -6.53 -18.25 -6.22
N CYS A 55 -5.95 -19.44 -6.01
CA CYS A 55 -6.42 -20.63 -6.71
C CYS A 55 -7.84 -21.03 -6.31
N ARG A 56 -8.33 -20.59 -5.16
CA ARG A 56 -9.75 -20.79 -4.83
C ARG A 56 -10.66 -20.06 -5.80
N TRP A 57 -10.21 -18.93 -6.34
CA TRP A 57 -11.05 -18.10 -7.19
C TRP A 57 -10.72 -18.26 -8.67
N VAL A 58 -9.46 -18.51 -8.99
CA VAL A 58 -8.99 -18.48 -10.37
C VAL A 58 -8.59 -19.89 -10.74
N ALA A 59 -9.39 -20.53 -11.59
CA ALA A 59 -9.11 -21.94 -11.91
C ALA A 59 -7.88 -22.08 -12.81
N ASP A 60 -7.61 -21.09 -13.64
CA ASP A 60 -6.47 -21.10 -14.58
C ASP A 60 -5.67 -19.83 -14.34
N PRO A 61 -4.53 -19.90 -13.63
CA PRO A 61 -3.78 -18.67 -13.31
C PRO A 61 -3.12 -17.99 -14.51
N SER A 62 -3.05 -18.63 -15.68
CA SER A 62 -2.65 -17.89 -16.88
C SER A 62 -3.67 -16.83 -17.28
N GLN A 63 -4.83 -16.80 -16.62
CA GLN A 63 -5.80 -15.75 -16.84
C GLN A 63 -5.52 -14.49 -16.02
N VAL A 64 -4.50 -14.49 -15.17
CA VAL A 64 -4.12 -13.29 -14.41
C VAL A 64 -3.23 -12.45 -15.32
N HIS A 65 -3.75 -11.31 -15.77
CA HIS A 65 -3.09 -10.57 -16.83
C HIS A 65 -2.35 -9.33 -16.35
N TYR A 66 -2.74 -8.77 -15.21
CA TYR A 66 -2.16 -7.53 -14.70
C TYR A 66 -1.94 -7.61 -13.20
N TRP A 67 -0.90 -6.91 -12.73
CA TRP A 67 -0.59 -6.80 -11.30
C TRP A 67 -0.16 -5.36 -11.04
N LEU A 68 -1.04 -4.60 -10.40
CA LEU A 68 -0.83 -3.18 -10.19
C LEU A 68 -0.11 -2.99 -8.86
N ILE A 69 0.91 -2.11 -8.86
CA ILE A 69 1.80 -1.93 -7.71
C ILE A 69 1.84 -0.45 -7.34
N THR A 70 1.55 -0.14 -6.09
CA THR A 70 1.50 1.28 -5.68
C THR A 70 2.89 1.86 -5.43
N HIS A 71 3.80 1.09 -4.82
CA HIS A 71 5.09 1.67 -4.48
C HIS A 71 6.08 0.57 -4.11
N LYS A 72 7.33 0.99 -3.93
CA LYS A 72 8.49 0.12 -3.87
C LYS A 72 8.79 -0.44 -2.48
N HIS A 73 8.03 -0.07 -1.46
CA HIS A 73 8.35 -0.55 -0.13
C HIS A 73 8.21 -2.05 -0.05
N TYR A 74 8.95 -2.64 0.90
CA TYR A 74 9.12 -4.09 0.96
C TYR A 74 7.79 -4.81 1.15
N ASP A 75 6.84 -4.15 1.79
CA ASP A 75 5.53 -4.71 2.09
C ASP A 75 4.52 -4.44 0.97
N HIS A 76 4.95 -3.88 -0.15
CA HIS A 76 4.06 -3.68 -1.30
C HIS A 76 4.58 -4.27 -2.59
N CYS A 77 5.66 -5.02 -2.54
CA CYS A 77 6.16 -5.68 -3.74
C CYS A 77 6.87 -6.99 -3.43
N GLY A 78 6.85 -7.47 -2.18
CA GLY A 78 7.63 -8.65 -1.82
C GLY A 78 7.16 -9.94 -2.48
N LEU A 79 5.92 -10.01 -2.93
CA LEU A 79 5.45 -11.24 -3.57
C LEU A 79 5.92 -11.38 -5.01
N LEU A 80 6.32 -10.30 -5.67
CA LEU A 80 6.47 -10.34 -7.12
C LEU A 80 7.44 -11.41 -7.60
N PRO A 81 8.65 -11.52 -7.07
CA PRO A 81 9.57 -12.56 -7.57
C PRO A 81 9.07 -13.96 -7.33
N TYR A 82 8.20 -14.17 -6.35
CA TYR A 82 7.84 -15.52 -5.95
C TYR A 82 6.57 -16.01 -6.63
N LEU A 83 5.67 -15.12 -7.02
CA LEU A 83 4.45 -15.55 -7.71
C LEU A 83 4.47 -15.28 -9.22
N CYS A 84 5.28 -14.34 -9.70
CA CYS A 84 5.31 -14.10 -11.14
C CYS A 84 5.71 -15.33 -11.94
N PRO A 85 6.64 -16.18 -11.48
CA PRO A 85 6.90 -17.45 -12.18
C PRO A 85 5.67 -18.33 -12.29
N ARG A 86 4.66 -18.16 -11.46
CA ARG A 86 3.44 -18.95 -11.51
C ARG A 86 2.34 -18.27 -12.30
N LEU A 87 2.57 -17.04 -12.79
CA LEU A 87 1.57 -16.26 -13.50
C LEU A 87 2.12 -15.92 -14.88
N PRO A 88 2.08 -16.87 -15.81
CA PRO A 88 2.88 -16.73 -17.05
C PRO A 88 2.47 -15.56 -17.93
N ASN A 89 1.21 -15.14 -17.87
CA ASN A 89 0.74 -14.04 -18.70
C ASN A 89 0.67 -12.71 -17.98
N VAL A 90 1.24 -12.60 -16.77
CA VAL A 90 0.98 -11.37 -16.02
C VAL A 90 1.91 -10.25 -16.49
N GLN A 91 1.39 -9.03 -16.44
CA GLN A 91 2.18 -7.82 -16.68
C GLN A 91 2.14 -6.98 -15.42
N VAL A 92 3.29 -6.70 -14.83
CA VAL A 92 3.34 -5.85 -13.64
C VAL A 92 3.27 -4.40 -14.09
N LEU A 93 2.32 -3.64 -13.55
CA LEU A 93 2.16 -2.22 -13.86
C LEU A 93 2.60 -1.39 -12.64
N ALA A 94 3.63 -0.57 -12.85
CA ALA A 94 4.21 0.20 -11.76
C ALA A 94 4.79 1.47 -12.35
N SER A 95 4.99 2.48 -11.49
CA SER A 95 5.54 3.74 -11.93
C SER A 95 6.99 3.57 -12.38
N GLU A 96 7.48 4.57 -13.12
CA GLU A 96 8.88 4.57 -13.55
C GLU A 96 9.81 4.45 -12.37
N ARG A 97 9.60 5.28 -11.34
CA ARG A 97 10.49 5.27 -10.18
C ARG A 97 10.42 3.94 -9.44
N THR A 98 9.24 3.32 -9.39
CA THR A 98 9.10 2.01 -8.74
C THR A 98 9.86 0.94 -9.52
N CYS A 99 9.64 0.91 -10.84
CA CYS A 99 10.39 0.00 -11.70
CA CYS A 99 10.39 0.00 -11.71
C CYS A 99 11.90 0.16 -11.50
N GLN A 100 12.37 1.39 -11.39
CA GLN A 100 13.81 1.64 -11.27
C GLN A 100 14.36 1.09 -9.97
N ALA A 101 13.56 1.10 -8.91
CA ALA A 101 14.00 0.54 -7.64
C ALA A 101 14.34 -0.94 -7.78
N TRP A 102 13.64 -1.67 -8.67
CA TRP A 102 13.88 -3.09 -8.84
C TRP A 102 15.10 -3.36 -9.72
N LYS A 103 15.65 -2.31 -10.32
CA LYS A 103 16.92 -2.36 -11.05
C LYS A 103 18.11 -2.01 -10.19
N SER A 104 17.89 -1.57 -8.96
CA SER A 104 18.96 -1.13 -8.08
C SER A 104 19.34 -2.28 -7.15
N GLU A 105 20.60 -2.71 -7.22
CA GLU A 105 21.04 -3.81 -6.37
C GLU A 105 20.89 -3.47 -4.90
N SER A 106 21.26 -2.24 -4.50
CA SER A 106 21.13 -1.86 -3.09
C SER A 106 19.67 -1.73 -2.66
N ALA A 107 18.78 -1.28 -3.56
CA ALA A 107 17.37 -1.20 -3.19
C ALA A 107 16.79 -2.58 -3.00
N VAL A 108 17.15 -3.51 -3.88
CA VAL A 108 16.66 -4.87 -3.80
C VAL A 108 17.13 -5.54 -2.50
N ARG A 109 18.34 -5.20 -2.06
CA ARG A 109 18.89 -5.82 -0.84
C ARG A 109 18.04 -5.49 0.37
N VAL A 110 17.62 -4.24 0.50
CA VAL A 110 16.84 -3.84 1.66
C VAL A 110 15.49 -4.55 1.65
N VAL A 111 14.83 -4.58 0.49
CA VAL A 111 13.55 -5.29 0.34
C VAL A 111 13.70 -6.75 0.75
N GLU A 112 14.72 -7.42 0.22
CA GLU A 112 14.90 -8.83 0.55
C GLU A 112 15.20 -9.03 2.03
N ARG A 113 16.04 -8.15 2.60
CA ARG A 113 16.41 -8.31 4.01
C ARG A 113 15.19 -8.14 4.91
N LEU A 114 14.37 -7.12 4.66
CA LEU A 114 13.20 -6.89 5.50
C LEU A 114 12.18 -8.01 5.33
N ASN A 115 12.03 -8.53 4.10
CA ASN A 115 11.09 -9.62 3.90
C ASN A 115 11.59 -10.91 4.56
N ARG A 116 12.89 -11.16 4.50
CA ARG A 116 13.35 -12.39 5.12
C ARG A 116 13.26 -12.34 6.64
N GLN A 117 13.26 -11.15 7.23
CA GLN A 117 13.07 -11.04 8.68
C GLN A 117 11.67 -11.43 9.12
N LEU A 118 10.73 -11.56 8.19
CA LEU A 118 9.36 -11.97 8.50
C LEU A 118 9.10 -13.44 8.25
N LEU A 119 10.09 -14.20 7.81
CA LEU A 119 9.89 -15.62 7.60
C LEU A 119 9.73 -16.34 8.93
N ARG A 120 8.80 -17.30 8.96
CA ARG A 120 8.68 -18.16 10.13
C ARG A 120 9.81 -19.19 10.14
N ALA A 121 10.13 -19.68 11.33
CA ALA A 121 11.24 -20.62 11.49
C ALA A 121 11.07 -21.81 10.55
N GLU A 122 12.13 -22.14 9.83
CA GLU A 122 12.16 -23.24 8.88
C GLU A 122 11.24 -23.01 7.69
N GLN A 123 10.85 -21.76 7.42
CA GLN A 123 9.99 -21.46 6.28
C GLN A 123 10.85 -21.15 5.06
N ARG A 124 10.52 -21.77 3.93
CA ARG A 124 11.30 -21.66 2.72
C ARG A 124 10.47 -20.97 1.66
N LEU A 125 11.05 -20.00 0.98
CA LEU A 125 10.33 -19.32 -0.08
C LEU A 125 10.46 -20.10 -1.39
N PRO A 126 9.45 -20.03 -2.26
CA PRO A 126 9.54 -20.75 -3.54
C PRO A 126 10.59 -20.17 -4.46
N GLU A 127 10.82 -20.87 -5.57
CA GLU A 127 11.71 -20.40 -6.62
C GLU A 127 11.34 -18.98 -7.02
N ALA A 128 12.34 -18.13 -7.18
CA ALA A 128 12.14 -16.72 -7.48
C ALA A 128 12.77 -16.35 -8.81
N CYS A 129 12.09 -15.53 -9.59
CA CYS A 129 12.76 -14.94 -10.73
C CYS A 129 13.41 -13.63 -10.29
N ALA A 130 14.36 -13.16 -11.09
CA ALA A 130 15.18 -12.04 -10.69
C ALA A 130 14.35 -10.76 -10.65
N TRP A 131 14.64 -9.92 -9.67
CA TRP A 131 13.96 -8.63 -9.60
C TRP A 131 14.10 -7.86 -10.90
N ASP A 132 15.25 -7.97 -11.57
CA ASP A 132 15.45 -7.19 -12.79
C ASP A 132 14.87 -7.87 -14.02
N ALA A 133 14.24 -9.03 -13.85
CA ALA A 133 13.62 -9.78 -14.94
C ALA A 133 12.11 -9.78 -14.83
N LEU A 134 11.54 -8.99 -13.91
CA LEU A 134 10.11 -8.96 -13.72
C LEU A 134 9.42 -8.46 -14.98
N PRO A 135 8.24 -9.03 -15.37
CA PRO A 135 7.56 -8.59 -16.61
C PRO A 135 6.82 -7.27 -16.37
N VAL A 136 7.58 -6.18 -16.40
CA VAL A 136 7.09 -4.89 -15.96
C VAL A 136 6.78 -4.00 -17.15
N ARG A 137 5.70 -3.24 -17.04
CA ARG A 137 5.40 -2.14 -17.96
C ARG A 137 5.24 -0.89 -17.11
N ALA A 138 6.08 0.12 -17.35
CA ALA A 138 5.99 1.33 -16.55
C ALA A 138 4.75 2.11 -16.94
N VAL A 139 4.07 2.70 -15.94
CA VAL A 139 2.89 3.51 -16.18
C VAL A 139 3.15 4.93 -15.69
N ALA A 140 2.47 5.90 -16.31
CA ALA A 140 2.71 7.31 -16.06
C ALA A 140 1.54 7.98 -15.33
N ASP A 141 1.86 9.12 -14.70
CA ASP A 141 0.84 9.94 -14.04
C ASP A 141 -0.24 10.32 -15.05
N GLY A 142 -1.50 10.08 -14.68
CA GLY A 142 -2.64 10.36 -15.53
C GLY A 142 -2.98 9.29 -16.54
N GLU A 143 -2.20 8.22 -16.64
CA GLU A 143 -2.47 7.17 -17.61
C GLU A 143 -3.73 6.36 -17.25
N TRP A 144 -4.58 6.12 -18.25
CA TRP A 144 -5.76 5.28 -18.10
C TRP A 144 -5.38 3.84 -18.43
N LEU A 145 -5.62 2.94 -17.50
CA LEU A 145 -5.32 1.52 -17.66
C LEU A 145 -6.62 0.83 -18.05
N GLU A 146 -6.71 0.40 -19.31
CA GLU A 146 -7.90 -0.28 -19.82
C GLU A 146 -7.73 -1.76 -19.54
N LEU A 147 -8.12 -2.18 -18.33
CA LEU A 147 -7.86 -3.55 -17.88
C LEU A 147 -8.90 -4.54 -18.41
N GLY A 148 -10.14 -4.10 -18.54
CA GLY A 148 -11.19 -4.94 -19.08
C GLY A 148 -12.36 -4.11 -19.54
N PRO A 149 -13.38 -4.76 -20.10
CA PRO A 149 -14.53 -4.01 -20.62
C PRO A 149 -15.21 -3.11 -19.62
N ARG A 150 -15.18 -3.45 -18.34
CA ARG A 150 -15.85 -2.64 -17.31
C ARG A 150 -14.86 -2.22 -16.23
N HIS A 151 -13.57 -2.24 -16.54
CA HIS A 151 -12.52 -1.89 -15.57
C HIS A 151 -11.52 -0.97 -16.25
N ARG A 152 -11.58 0.30 -15.88
CA ARG A 152 -10.71 1.34 -16.41
C ARG A 152 -10.21 2.12 -15.20
N LEU A 153 -8.90 2.07 -14.92
CA LEU A 153 -8.33 2.71 -13.74
C LEU A 153 -7.28 3.75 -14.13
N GLN A 154 -7.32 4.90 -13.46
CA GLN A 154 -6.41 6.00 -13.76
C GLN A 154 -5.26 6.00 -12.76
N VAL A 155 -4.06 6.09 -13.27
CA VAL A 155 -2.85 6.26 -12.47
C VAL A 155 -2.75 7.71 -12.00
N ILE A 156 -2.55 7.90 -10.70
CA ILE A 156 -2.36 9.24 -10.15
C ILE A 156 -1.11 9.27 -9.30
N GLU A 157 -0.22 10.22 -9.57
CA GLU A 157 0.99 10.33 -8.76
C GLU A 157 0.60 10.81 -7.37
N ALA A 158 1.17 10.17 -6.35
CA ALA A 158 0.84 10.49 -4.98
C ALA A 158 2.09 10.34 -4.13
N HIS A 159 3.12 11.12 -4.46
CA HIS A 159 4.38 11.07 -3.74
C HIS A 159 4.23 11.70 -2.36
N GLY A 160 5.19 11.37 -1.48
CA GLY A 160 5.24 11.93 -0.15
C GLY A 160 5.44 10.85 0.90
N HIS A 161 4.59 9.84 0.91
CA HIS A 161 4.88 8.66 1.71
C HIS A 161 6.21 8.06 1.28
N SER A 162 6.40 7.96 -0.03
CA SER A 162 7.63 7.53 -0.70
C SER A 162 7.71 8.33 -1.99
N ASP A 163 8.88 8.37 -2.62
CA ASP A 163 9.09 9.28 -3.74
C ASP A 163 8.64 8.68 -5.06
N ASP A 164 8.08 7.48 -5.04
CA ASP A 164 7.62 6.76 -6.24
C ASP A 164 6.12 6.44 -6.20
N HIS A 165 5.43 6.78 -5.11
CA HIS A 165 4.11 6.22 -4.81
C HIS A 165 3.08 6.72 -5.81
N VAL A 166 2.26 5.80 -6.32
CA VAL A 166 1.09 6.12 -7.13
C VAL A 166 -0.13 5.42 -6.54
N VAL A 167 -1.31 5.91 -6.93
CA VAL A 167 -2.59 5.34 -6.55
C VAL A 167 -3.37 5.05 -7.82
N PHE A 168 -4.42 4.25 -7.70
CA PHE A 168 -5.18 3.81 -8.87
C PHE A 168 -6.66 4.08 -8.63
N TYR A 169 -7.32 4.82 -9.53
CA TYR A 169 -8.69 5.28 -9.31
C TYR A 169 -9.63 4.69 -10.35
N ASP A 170 -10.64 3.99 -9.86
CA ASP A 170 -11.70 3.38 -10.71
C ASP A 170 -12.92 4.28 -10.60
N VAL A 171 -13.14 5.14 -11.59
CA VAL A 171 -14.16 6.16 -11.35
C VAL A 171 -15.55 5.53 -11.49
N ARG A 172 -15.69 4.51 -12.33
CA ARG A 172 -16.98 3.80 -12.45
C ARG A 172 -17.47 3.37 -11.08
N ARG A 173 -16.58 2.82 -10.25
CA ARG A 173 -16.95 2.31 -8.94
C ARG A 173 -16.63 3.30 -7.82
N ARG A 174 -16.19 4.51 -8.15
CA ARG A 174 -15.72 5.50 -7.18
C ARG A 174 -14.81 4.83 -6.17
N ARG A 175 -13.81 4.11 -6.69
CA ARG A 175 -12.98 3.21 -5.89
C ARG A 175 -11.53 3.61 -6.05
N LEU A 176 -10.85 3.87 -4.94
CA LEU A 176 -9.47 4.30 -4.97
C LEU A 176 -8.62 3.31 -4.20
N PHE A 177 -7.62 2.74 -4.89
CA PHE A 177 -6.54 1.96 -4.26
C PHE A 177 -5.45 2.96 -3.92
N CYS A 178 -5.35 3.32 -2.64
CA CYS A 178 -4.55 4.46 -2.26
C CYS A 178 -3.22 4.10 -1.59
N GLY A 179 -2.87 2.82 -1.52
CA GLY A 179 -1.62 2.44 -0.93
C GLY A 179 -1.47 3.04 0.44
N ASP A 180 -0.30 3.63 0.71
CA ASP A 180 0.00 4.20 2.03
C ASP A 180 -0.10 5.72 2.00
N ALA A 181 -0.68 6.30 0.95
CA ALA A 181 -0.65 7.76 0.82
C ALA A 181 -1.53 8.53 1.81
N LEU A 182 -2.52 7.88 2.42
CA LEU A 182 -3.33 8.50 3.47
C LEU A 182 -2.82 8.12 4.85
N GLY A 183 -1.82 7.26 4.92
CA GLY A 183 -1.32 6.76 6.17
C GLY A 183 -1.87 5.39 6.50
N GLU A 184 -1.85 5.09 7.79
CA GLU A 184 -2.29 3.81 8.34
C GLU A 184 -3.63 4.03 9.03
N PHE A 185 -4.66 3.30 8.60
CA PHE A 185 -5.96 3.48 9.26
C PHE A 185 -5.96 2.84 10.65
N ASP A 186 -6.28 3.62 11.68
CA ASP A 186 -6.33 3.17 13.06
C ASP A 186 -7.62 2.42 13.30
N GLU A 187 -7.53 1.09 13.45
CA GLU A 187 -8.74 0.27 13.55
C GLU A 187 -9.48 0.48 14.85
N ALA A 188 -8.77 0.84 15.93
CA ALA A 188 -9.40 1.01 17.23
C ALA A 188 -10.14 2.34 17.32
N GLU A 189 -9.61 3.39 16.65
CA GLU A 189 -10.08 4.74 16.87
C GLU A 189 -10.74 5.35 15.65
N GLY A 190 -10.58 4.76 14.47
CA GLY A 190 -11.27 5.24 13.28
C GLY A 190 -10.67 6.45 12.60
N VAL A 191 -9.38 6.73 12.84
CA VAL A 191 -8.68 7.88 12.24
C VAL A 191 -7.43 7.39 11.50
N TRP A 192 -6.89 8.28 10.66
CA TRP A 192 -5.64 8.03 9.93
C TRP A 192 -4.42 8.38 10.79
N ARG A 193 -3.41 7.50 10.74
CA ARG A 193 -2.10 7.78 11.33
C ARG A 193 -1.17 8.12 10.19
N PRO A 194 -0.57 9.29 10.19
CA PRO A 194 0.25 9.68 9.03
C PRO A 194 1.45 8.77 8.83
N LEU A 195 1.83 8.55 7.55
CA LEU A 195 3.05 7.78 7.21
C LEU A 195 3.89 8.62 6.21
N VAL A 196 4.58 9.61 6.72
CA VAL A 196 5.32 10.57 5.89
C VAL A 196 6.79 10.18 5.95
N PHE A 197 7.26 9.42 4.97
CA PHE A 197 8.63 8.92 5.04
C PHE A 197 9.53 9.48 3.96
N ASP A 198 9.02 10.31 3.06
CA ASP A 198 9.91 10.98 2.12
C ASP A 198 9.82 12.49 2.15
N ASP A 199 8.62 13.08 2.02
CA ASP A 199 8.48 14.52 1.78
C ASP A 199 7.11 14.96 2.30
N MET A 200 7.09 15.84 3.31
CA MET A 200 5.81 16.24 3.89
C MET A 200 5.01 17.10 2.91
N GLU A 201 5.65 18.07 2.26
CA GLU A 201 4.91 18.94 1.34
C GLU A 201 4.31 18.14 0.18
N ALA A 202 5.04 17.14 -0.34
CA ALA A 202 4.47 16.29 -1.38
C ALA A 202 3.31 15.49 -0.85
N TYR A 203 3.46 14.94 0.36
CA TYR A 203 2.41 14.12 0.97
C TYR A 203 1.11 14.90 1.06
N LEU A 204 1.18 16.13 1.58
CA LEU A 204 0.00 16.97 1.71
C LEU A 204 -0.54 17.39 0.37
N GLU A 205 0.34 17.73 -0.57
CA GLU A 205 -0.11 18.13 -1.90
C GLU A 205 -0.82 16.98 -2.58
N SER A 206 -0.35 15.75 -2.37
CA SER A 206 -1.02 14.60 -2.96
C SER A 206 -2.42 14.46 -2.38
N LEU A 207 -2.56 14.68 -1.07
CA LEU A 207 -3.88 14.53 -0.45
C LEU A 207 -4.82 15.62 -0.93
N GLU A 208 -4.30 16.84 -1.11
CA GLU A 208 -5.07 17.91 -1.69
C GLU A 208 -5.65 17.52 -3.07
N ARG A 209 -4.82 16.93 -3.93
CA ARG A 209 -5.32 16.52 -5.24
C ARG A 209 -6.29 15.35 -5.13
N LEU A 210 -6.01 14.39 -4.25
CA LEU A 210 -6.93 13.25 -4.16
C LEU A 210 -8.28 13.67 -3.61
N GLN A 211 -8.31 14.71 -2.78
CA GLN A 211 -9.59 15.18 -2.25
CA GLN A 211 -9.57 15.24 -2.25
C GLN A 211 -10.48 15.72 -3.36
N ARG A 212 -9.90 16.19 -4.46
CA ARG A 212 -10.68 16.73 -5.58
C ARG A 212 -11.27 15.67 -6.49
N LEU A 213 -10.95 14.40 -6.28
CA LEU A 213 -11.57 13.36 -7.08
C LEU A 213 -13.07 13.34 -6.85
N PRO A 214 -13.85 12.88 -7.84
CA PRO A 214 -15.26 12.62 -7.58
C PRO A 214 -15.42 11.76 -6.34
N THR A 215 -16.42 12.10 -5.52
CA THR A 215 -16.66 11.45 -4.22
C THR A 215 -16.43 9.96 -4.26
N LEU A 216 -15.63 9.48 -3.28
CA LEU A 216 -15.34 8.07 -3.20
C LEU A 216 -16.46 7.30 -2.52
N LEU A 217 -16.68 6.07 -3.02
CA LEU A 217 -17.52 5.11 -2.34
C LEU A 217 -16.69 4.02 -1.63
N GLN A 218 -15.52 3.71 -2.16
CA GLN A 218 -14.66 2.64 -1.64
C GLN A 218 -13.22 3.15 -1.62
N LEU A 219 -12.59 3.02 -0.48
CA LEU A 219 -11.22 3.51 -0.29
C LEU A 219 -10.44 2.33 0.26
N ILE A 220 -9.38 1.96 -0.46
CA ILE A 220 -8.70 0.69 -0.23
C ILE A 220 -7.22 1.02 -0.04
N PRO A 221 -6.78 1.20 1.21
CA PRO A 221 -5.36 1.49 1.46
C PRO A 221 -4.51 0.21 1.38
N GLY A 222 -3.22 0.36 1.68
CA GLY A 222 -2.30 -0.75 1.62
C GLY A 222 -2.47 -1.78 2.74
N HIS A 223 -3.17 -1.42 3.80
CA HIS A 223 -3.29 -2.26 5.00
C HIS A 223 -4.67 -2.05 5.59
N GLY A 224 -5.30 -3.14 5.94
CA GLY A 224 -6.46 -3.09 6.83
C GLY A 224 -7.80 -3.30 6.16
N GLY A 225 -7.87 -3.38 4.84
CA GLY A 225 -9.10 -3.78 4.18
C GLY A 225 -9.76 -2.65 3.39
N LEU A 226 -11.08 -2.69 3.25
CA LEU A 226 -11.82 -1.72 2.43
C LEU A 226 -12.66 -0.82 3.31
N LEU A 227 -12.59 0.48 3.06
CA LEU A 227 -13.35 1.48 3.80
C LEU A 227 -14.47 2.02 2.92
N ARG A 228 -15.66 2.21 3.49
CA ARG A 228 -16.79 2.70 2.70
C ARG A 228 -17.52 3.79 3.48
N GLY A 229 -18.65 4.25 2.92
CA GLY A 229 -19.42 5.28 3.57
C GLY A 229 -18.62 6.52 3.81
N ARG A 230 -18.82 7.14 4.98
CA ARG A 230 -18.13 8.40 5.24
C ARG A 230 -16.63 8.22 5.32
N LEU A 231 -16.14 7.02 5.68
CA LEU A 231 -14.69 6.87 5.77
C LEU A 231 -14.06 7.02 4.40
N ALA A 232 -14.73 6.52 3.36
CA ALA A 232 -14.21 6.69 2.01
C ALA A 232 -14.39 8.13 1.54
N ALA A 233 -15.57 8.69 1.74
CA ALA A 233 -15.85 10.01 1.18
C ALA A 233 -14.94 11.06 1.80
N ASP A 234 -14.62 10.91 3.09
CA ASP A 234 -13.84 11.91 3.84
C ASP A 234 -12.38 11.54 3.98
N GLY A 235 -11.93 10.45 3.34
CA GLY A 235 -10.63 9.88 3.69
C GLY A 235 -9.46 10.82 3.44
N ALA A 236 -9.38 11.39 2.23
CA ALA A 236 -8.24 12.22 1.88
C ALA A 236 -8.20 13.47 2.75
N GLU A 237 -9.37 14.08 2.97
CA GLU A 237 -9.46 15.25 3.82
C GLU A 237 -9.04 14.93 5.24
N SER A 238 -9.52 13.79 5.77
CA SER A 238 -9.18 13.40 7.13
C SER A 238 -7.71 13.07 7.27
N ALA A 239 -7.12 12.41 6.26
CA ALA A 239 -5.69 12.11 6.30
C ALA A 239 -4.86 13.39 6.36
N TYR A 240 -5.24 14.39 5.58
CA TYR A 240 -4.57 15.69 5.58
C TYR A 240 -4.60 16.28 6.98
N THR A 241 -5.79 16.30 7.58
CA THR A 241 -6.02 16.87 8.90
CA THR A 241 -5.87 16.99 8.85
C THR A 241 -5.16 16.19 9.96
N GLU A 242 -5.11 14.86 9.91
CA GLU A 242 -4.29 14.14 10.89
C GLU A 242 -2.81 14.42 10.69
N CYS A 243 -2.36 14.68 9.47
CA CYS A 243 -0.96 14.97 9.29
C CYS A 243 -0.64 16.33 9.91
N LEU A 244 -1.54 17.30 9.76
CA LEU A 244 -1.33 18.61 10.39
C LEU A 244 -1.37 18.50 11.92
N ARG A 245 -2.28 17.68 12.43
CA ARG A 245 -2.36 17.43 13.87
C ARG A 245 -1.01 16.91 14.40
N LEU A 246 -0.38 15.99 13.66
CA LEU A 246 0.88 15.45 14.17
C LEU A 246 1.98 16.50 14.10
N CYS A 247 1.95 17.34 13.06
CA CYS A 247 2.91 18.44 12.95
CA CYS A 247 2.94 18.41 12.98
C CYS A 247 2.80 19.39 14.12
N ARG A 248 1.56 19.74 14.50
CA ARG A 248 1.36 20.66 15.62
C ARG A 248 1.81 20.02 16.93
N ARG A 249 1.53 18.74 17.08
CA ARG A 249 2.00 18.00 18.25
C ARG A 249 3.52 18.04 18.36
N LEU A 250 4.20 17.81 17.24
CA LEU A 250 5.65 17.79 17.23
C LEU A 250 6.21 19.16 17.61
N LEU A 251 5.61 20.21 17.07
CA LEU A 251 6.06 21.56 17.36
C LEU A 251 5.78 21.93 18.80
N TRP A 252 4.63 21.51 19.33
CA TRP A 252 4.34 21.74 20.74
C TRP A 252 5.42 21.11 21.61
N ARG A 253 5.71 19.84 21.39
CA ARG A 253 6.68 19.18 22.25
C ARG A 253 8.09 19.77 22.08
N GLN A 254 8.51 20.00 20.84
CA GLN A 254 9.83 20.62 20.65
C GLN A 254 9.90 21.96 21.37
N SER A 255 8.81 22.70 21.35
CA SER A 255 8.76 23.98 22.05
C SER A 255 8.93 23.82 23.54
N MET A 256 8.64 22.65 24.08
CA MET A 256 8.88 22.36 25.49
C MET A 256 10.26 21.76 25.73
N GLY A 257 11.17 21.90 24.77
CA GLY A 257 12.53 21.41 24.88
C GLY A 257 12.70 19.92 24.69
N GLU A 258 11.67 19.20 24.23
CA GLU A 258 11.80 17.77 24.04
C GLU A 258 12.65 17.43 22.82
N SER A 259 13.34 16.29 22.89
CA SER A 259 13.98 15.74 21.72
C SER A 259 12.94 14.97 20.91
N LEU A 260 13.22 14.81 19.61
CA LEU A 260 12.36 14.01 18.76
C LEU A 260 12.15 12.62 19.30
N ASP A 261 13.04 12.16 20.18
CA ASP A 261 12.96 10.77 20.63
C ASP A 261 11.77 10.54 21.56
N GLU A 262 11.40 11.54 22.36
CA GLU A 262 10.24 11.37 23.25
C GLU A 262 8.98 11.08 22.44
N LEU A 263 8.66 11.91 21.45
CA LEU A 263 7.45 11.65 20.67
C LEU A 263 7.61 10.41 19.81
N SER A 264 8.82 10.13 19.32
CA SER A 264 9.04 8.89 18.56
C SER A 264 8.61 7.68 19.38
N GLU A 265 9.04 7.63 20.65
CA GLU A 265 8.70 6.50 21.50
C GLU A 265 7.22 6.50 21.85
N GLU A 266 6.62 7.67 22.06
CA GLU A 266 5.19 7.72 22.29
C GLU A 266 4.42 7.19 21.07
N LEU A 267 4.82 7.60 19.85
CA LEU A 267 4.12 7.10 18.67
C LEU A 267 4.34 5.60 18.47
N HIS A 268 5.55 5.11 18.73
CA HIS A 268 5.78 3.67 18.66
C HIS A 268 4.92 2.94 19.68
N ARG A 269 4.85 3.46 20.91
CA ARG A 269 3.97 2.87 21.90
C ARG A 269 2.50 2.94 21.46
N ALA A 270 2.07 4.12 21.01
CA ALA A 270 0.65 4.29 20.73
C ALA A 270 0.26 3.56 19.45
N TRP A 271 1.16 3.46 18.48
CA TRP A 271 0.78 3.04 17.14
C TRP A 271 1.44 1.75 16.66
N GLY A 272 2.53 1.28 17.29
CA GLY A 272 3.27 0.17 16.72
C GLY A 272 2.56 -1.19 16.82
N GLY A 273 1.57 -1.31 17.69
CA GLY A 273 0.92 -2.59 17.88
C GLY A 273 0.22 -3.12 16.64
N GLN A 274 -0.36 -2.23 15.86
CA GLN A 274 -1.23 -2.69 14.79
C GLN A 274 -0.46 -3.45 13.73
N SER A 275 0.77 -3.03 13.43
CA SER A 275 1.54 -3.59 12.34
C SER A 275 2.60 -4.60 12.78
N VAL A 276 2.57 -5.02 14.05
CA VAL A 276 3.71 -5.75 14.59
C VAL A 276 3.98 -7.05 13.83
N ASP A 277 2.97 -7.63 13.18
CA ASP A 277 3.18 -8.93 12.54
C ASP A 277 3.79 -8.82 11.14
N PHE A 278 3.93 -7.64 10.58
CA PHE A 278 4.59 -7.50 9.29
C PHE A 278 5.63 -6.38 9.24
N LEU A 279 5.91 -5.70 10.34
CA LEU A 279 6.98 -4.69 10.38
C LEU A 279 8.02 -5.19 11.37
N PRO A 280 9.22 -5.63 10.93
CA PRO A 280 10.19 -6.25 11.85
C PRO A 280 10.51 -5.34 13.03
N GLY A 281 11.03 -5.93 14.11
CA GLY A 281 11.13 -5.29 15.41
C GLY A 281 11.29 -3.79 15.44
N GLU A 282 12.50 -3.31 15.16
CA GLU A 282 12.85 -1.91 15.35
C GLU A 282 12.38 -1.01 14.21
N LEU A 283 11.77 -1.57 13.16
CA LEU A 283 11.45 -0.74 11.99
C LEU A 283 10.33 0.25 12.27
N HIS A 284 9.34 -0.11 13.09
CA HIS A 284 8.29 0.86 13.37
C HIS A 284 8.84 2.06 14.10
N LEU A 285 9.57 1.82 15.21
CA LEU A 285 10.12 2.95 15.95
C LEU A 285 11.00 3.80 15.03
N GLY A 286 11.84 3.17 14.21
CA GLY A 286 12.72 3.94 13.35
C GLY A 286 11.95 4.68 12.27
N SER A 287 10.86 4.09 11.80
CA SER A 287 10.00 4.78 10.85
C SER A 287 9.37 6.01 11.48
N MET A 288 8.89 5.89 12.72
CA MET A 288 8.36 7.05 13.42
C MET A 288 9.40 8.16 13.55
N ARG A 289 10.63 7.79 13.88
CA ARG A 289 11.68 8.80 14.01
C ARG A 289 11.95 9.47 12.66
N ARG A 290 12.06 8.67 11.58
CA ARG A 290 12.27 9.23 10.24
C ARG A 290 11.16 10.22 9.87
N MET A 291 9.91 9.82 10.11
CA MET A 291 8.79 10.74 9.85
C MET A 291 8.95 12.05 10.62
N LEU A 292 9.27 11.97 11.92
CA LEU A 292 9.33 13.19 12.72
C LEU A 292 10.50 14.06 12.28
N GLU A 293 11.58 13.44 11.80
CA GLU A 293 12.71 14.17 11.22
C GLU A 293 12.28 14.96 9.99
N ILE A 294 11.51 14.31 9.11
CA ILE A 294 11.01 14.98 7.91
C ILE A 294 10.08 16.14 8.29
N LEU A 295 9.15 15.88 9.21
CA LEU A 295 8.24 16.93 9.66
C LEU A 295 9.00 18.08 10.30
N SER A 296 9.99 17.77 11.13
CA SER A 296 10.71 18.81 11.87
C SER A 296 11.49 19.71 10.92
N ARG A 297 12.04 19.14 9.84
CA ARG A 297 12.86 19.89 8.89
C ARG A 297 12.01 20.81 8.00
N GLN A 298 10.82 20.36 7.64
CA GLN A 298 9.89 21.15 6.85
C GLN A 298 8.90 21.91 7.72
N ALA A 299 9.17 21.95 9.03
CA ALA A 299 8.38 22.74 9.99
C ALA A 299 9.10 22.73 11.34
#